data_7LRZ
#
_entry.id   7LRZ
#
_cell.length_a   76.141
_cell.length_b   76.141
_cell.length_c   230.850
_cell.angle_alpha   90.000
_cell.angle_beta   90.000
_cell.angle_gamma   120.000
#
_symmetry.space_group_name_H-M   'P 61 2 2'
#
loop_
_entity.id
_entity.type
_entity.pdbx_description
1 polymer 'ALK tyrosine kinase receptor'
2 water water
#
_entity_poly.entity_id   1
_entity_poly.type   'polypeptide(L)'
_entity_poly.pdbx_seq_one_letter_code
;SLDPTVHWLFTTCGASGPHGPTQAQCNNAYQNSNLSVEVGSEGPLKGIQIWKVPATDTYSISGYGAAGGKGGKNTMMRSH
GVSVLGIFNLEKDDMLYILVGQQGEDACPSTNQLIQKVCIGENNVIEEEIRVNRSVHEWAGGGGGGGGATYVFKMKDGVP
VPLIIAAGGGGRAYGAKTDTFHPERLENNSSVLGLNGNSGAAGGGGGWNDNTSLLWAGKSLQEGATGGHSCPQAMKKWGW
ETRGGFGGGGGGCSSGGGGGGYIGGNAASNNDPEMDGEDGVSFISPLGILYTPALKVMEGHGEVNIKHYLN
;
_entity_poly.pdbx_strand_id   A
#
# COMPACT_ATOMS: atom_id res chain seq x y z
N VAL A 6 -14.32 -23.16 8.75
CA VAL A 6 -14.05 -22.12 9.74
C VAL A 6 -12.87 -21.22 9.28
N HIS A 7 -13.19 -19.95 9.10
CA HIS A 7 -12.19 -19.08 8.55
C HIS A 7 -12.46 -17.68 9.05
N TRP A 8 -11.49 -16.82 8.86
CA TRP A 8 -11.64 -15.45 9.30
C TRP A 8 -11.15 -14.55 8.18
N LEU A 9 -12.02 -13.66 7.69
CA LEU A 9 -11.73 -12.77 6.54
C LEU A 9 -11.65 -11.34 7.01
N PHE A 10 -10.48 -10.72 6.86
CA PHE A 10 -10.20 -9.37 7.31
C PHE A 10 -10.15 -8.48 6.08
N THR A 11 -10.89 -7.37 6.14
CA THR A 11 -11.04 -6.43 5.04
C THR A 11 -10.64 -5.05 5.54
N THR A 12 -10.82 -4.02 4.68
CA THR A 12 -10.58 -2.65 5.12
C THR A 12 -11.77 -2.08 5.88
N CYS A 13 -12.80 -2.89 6.10
CA CYS A 13 -13.97 -2.50 6.86
C CYS A 13 -14.64 -1.30 6.22
N GLY A 14 -14.52 -1.21 4.90
CA GLY A 14 -15.17 -0.14 4.17
C GLY A 14 -14.33 1.09 4.06
N ALA A 15 -13.16 1.11 4.67
CA ALA A 15 -12.29 2.26 4.55
C ALA A 15 -11.48 2.27 3.26
N SER A 16 -11.10 3.47 2.84
CA SER A 16 -10.23 3.66 1.68
C SER A 16 -9.35 4.88 1.91
N GLY A 17 -8.36 5.07 1.06
CA GLY A 17 -7.48 6.19 1.24
C GLY A 17 -6.29 5.93 2.14
N PRO A 18 -5.64 7.03 2.56
CA PRO A 18 -4.42 6.89 3.36
C PRO A 18 -4.60 6.47 4.80
N HIS A 19 -5.79 6.58 5.36
CA HIS A 19 -6.04 6.23 6.75
C HIS A 19 -6.89 4.98 6.85
N GLY A 20 -6.70 4.22 7.94
CA GLY A 20 -7.38 2.93 8.09
C GLY A 20 -8.73 3.08 8.76
N PRO A 21 -9.38 1.95 8.99
CA PRO A 21 -10.74 1.99 9.53
C PRO A 21 -10.79 2.25 11.02
N THR A 22 -11.98 2.66 11.48
CA THR A 22 -12.23 2.81 12.91
C THR A 22 -12.80 1.51 13.49
N GLN A 23 -12.87 1.45 14.82
CA GLN A 23 -13.55 0.34 15.48
C GLN A 23 -14.99 0.16 14.95
N ALA A 24 -15.71 1.28 14.81
CA ALA A 24 -17.12 1.16 14.46
C ALA A 24 -17.29 0.67 13.04
N GLN A 25 -16.36 1.03 12.17
CA GLN A 25 -16.46 0.57 10.79
C GLN A 25 -16.24 -0.93 10.72
N CYS A 26 -15.26 -1.44 11.46
CA CYS A 26 -15.05 -2.88 11.41
C CYS A 26 -16.19 -3.62 12.10
N ASN A 27 -16.70 -3.08 13.22
CA ASN A 27 -17.86 -3.70 13.86
C ASN A 27 -19.01 -3.80 12.90
N ASN A 28 -19.26 -2.72 12.15
CA ASN A 28 -20.31 -2.77 11.15
C ASN A 28 -19.98 -3.80 10.06
N ALA A 29 -18.72 -3.81 9.58
CA ALA A 29 -18.35 -4.67 8.47
C ALA A 29 -18.48 -6.12 8.83
N TYR A 30 -18.18 -6.45 10.08
CA TYR A 30 -18.11 -7.83 10.50
C TYR A 30 -19.31 -8.30 11.30
N GLN A 31 -20.43 -7.56 11.29
CA GLN A 31 -21.55 -7.89 12.17
C GLN A 31 -22.18 -9.24 11.82
N ASN A 32 -22.15 -9.62 10.55
CA ASN A 32 -22.79 -10.85 10.13
C ASN A 32 -21.88 -12.06 10.24
N SER A 33 -20.58 -11.86 10.40
CA SER A 33 -19.65 -12.96 10.53
C SER A 33 -19.25 -13.18 12.00
N ASN A 34 -18.52 -14.28 12.20
CA ASN A 34 -18.00 -14.64 13.52
C ASN A 34 -16.58 -14.12 13.69
N LEU A 35 -16.40 -12.81 13.47
CA LEU A 35 -15.09 -12.18 13.56
C LEU A 35 -15.20 -10.95 14.45
N SER A 36 -14.36 -10.92 15.47
CA SER A 36 -14.26 -9.80 16.40
C SER A 36 -12.83 -9.28 16.38
N VAL A 37 -12.65 -7.96 16.24
CA VAL A 37 -11.33 -7.36 16.28
C VAL A 37 -11.39 -6.10 17.14
N GLU A 38 -10.24 -5.70 17.68
CA GLU A 38 -10.04 -4.42 18.36
C GLU A 38 -9.20 -3.54 17.45
N VAL A 39 -9.62 -2.29 17.26
CA VAL A 39 -8.97 -1.33 16.37
C VAL A 39 -8.59 -0.10 17.16
N GLY A 40 -7.30 0.18 17.24
CA GLY A 40 -6.84 1.34 18.00
C GLY A 40 -7.27 2.64 17.35
N SER A 41 -7.43 3.67 18.20
CA SER A 41 -7.93 4.95 17.78
C SER A 41 -6.86 6.02 17.67
N GLU A 42 -5.66 5.80 18.25
CA GLU A 42 -4.62 6.81 18.24
C GLU A 42 -3.27 6.10 18.24
N GLY A 43 -2.27 6.83 17.74
CA GLY A 43 -0.90 6.41 17.76
C GLY A 43 -0.60 5.46 16.62
N PRO A 44 0.56 4.80 16.71
CA PRO A 44 1.01 3.96 15.59
C PRO A 44 0.10 2.75 15.28
N LEU A 45 -0.79 2.37 16.17
CA LEU A 45 -1.64 1.21 15.94
C LEU A 45 -3.01 1.61 15.43
N LYS A 46 -3.22 2.89 15.18
CA LYS A 46 -4.50 3.33 14.70
C LYS A 46 -4.84 2.66 13.37
N GLY A 47 -6.05 2.10 13.27
CA GLY A 47 -6.48 1.42 12.05
C GLY A 47 -5.97 0.00 11.87
N ILE A 48 -5.20 -0.54 12.81
CA ILE A 48 -4.70 -1.90 12.74
C ILE A 48 -5.64 -2.79 13.56
N GLN A 49 -6.07 -3.90 12.98
CA GLN A 49 -7.05 -4.79 13.60
C GLN A 49 -6.37 -5.86 14.45
N ILE A 50 -6.78 -5.99 15.71
CA ILE A 50 -6.17 -6.95 16.62
C ILE A 50 -7.11 -8.12 16.83
N TRP A 51 -6.63 -9.33 16.56
CA TRP A 51 -7.46 -10.53 16.60
C TRP A 51 -6.85 -11.60 17.49
N LYS A 52 -7.71 -12.27 18.27
CA LYS A 52 -7.26 -13.27 19.23
C LYS A 52 -7.31 -14.65 18.59
N VAL A 53 -6.18 -15.36 18.58
CA VAL A 53 -6.10 -16.72 18.06
C VAL A 53 -6.90 -17.62 18.99
N PRO A 54 -7.86 -18.40 18.47
CA PRO A 54 -8.76 -19.15 19.38
C PRO A 54 -8.20 -20.46 19.90
N ALA A 55 -7.21 -21.06 19.24
CA ALA A 55 -6.73 -22.38 19.64
C ALA A 55 -5.32 -22.59 19.11
N THR A 56 -4.53 -23.36 19.86
CA THR A 56 -3.19 -23.70 19.40
C THR A 56 -3.27 -24.62 18.21
N ASP A 57 -2.66 -24.22 17.09
CA ASP A 57 -2.79 -25.04 15.89
C ASP A 57 -1.89 -24.45 14.82
N THR A 58 -1.75 -25.19 13.73
CA THR A 58 -1.18 -24.67 12.50
C THR A 58 -2.29 -23.96 11.72
N TYR A 59 -2.00 -22.74 11.25
CA TYR A 59 -2.97 -21.93 10.52
C TYR A 59 -2.35 -21.54 9.18
N SER A 60 -3.18 -21.35 8.16
CA SER A 60 -2.75 -20.64 6.96
C SER A 60 -3.15 -19.18 7.11
N ILE A 61 -2.22 -18.28 6.77
CA ILE A 61 -2.42 -16.82 6.78
C ILE A 61 -2.12 -16.40 5.36
N SER A 62 -3.16 -16.05 4.61
CA SER A 62 -3.03 -15.58 3.24
C SER A 62 -3.20 -14.07 3.27
N GLY A 63 -2.16 -13.33 2.89
CA GLY A 63 -2.18 -11.88 2.88
C GLY A 63 -2.20 -11.39 1.45
N TYR A 64 -2.91 -10.29 1.20
CA TYR A 64 -3.11 -9.75 -0.13
C TYR A 64 -2.93 -8.24 0.00
N GLY A 65 -1.95 -7.70 -0.70
CA GLY A 65 -1.69 -6.26 -0.65
C GLY A 65 -2.63 -5.54 -1.56
N ALA A 66 -2.63 -4.20 -1.46
CA ALA A 66 -3.51 -3.41 -2.32
C ALA A 66 -2.83 -2.98 -3.61
N ALA A 67 -3.65 -2.79 -4.64
CA ALA A 67 -3.18 -2.24 -5.91
C ALA A 67 -2.79 -0.77 -5.77
N GLY A 68 -1.91 -0.33 -6.66
CA GLY A 68 -1.61 1.08 -6.77
C GLY A 68 -2.66 1.82 -7.56
N GLY A 69 -2.56 3.14 -7.49
CA GLY A 69 -3.44 3.97 -8.29
C GLY A 69 -3.03 4.08 -9.76
N LYS A 70 -4.02 4.48 -10.56
CA LYS A 70 -3.81 4.78 -11.96
C LYS A 70 -3.35 6.24 -12.16
N GLY A 71 -2.76 6.49 -13.33
CA GLY A 71 -2.25 7.80 -13.73
C GLY A 71 -3.25 8.59 -14.55
N GLY A 72 -2.73 9.39 -15.49
CA GLY A 72 -3.46 10.49 -16.07
C GLY A 72 -4.56 10.10 -17.01
N LYS A 73 -4.71 8.81 -17.27
CA LYS A 73 -5.83 8.24 -18.00
C LYS A 73 -6.13 6.94 -17.28
N ASN A 74 -7.39 6.55 -17.25
CA ASN A 74 -7.76 5.27 -16.68
C ASN A 74 -7.72 4.16 -17.72
N THR A 75 -7.21 4.45 -18.92
CA THR A 75 -6.96 3.41 -19.92
C THR A 75 -5.52 2.88 -19.84
N MET A 76 -5.16 2.41 -18.65
CA MET A 76 -3.91 1.71 -18.38
C MET A 76 -4.21 0.73 -17.26
N MET A 77 -3.48 -0.39 -17.23
CA MET A 77 -3.58 -1.36 -16.14
C MET A 77 -2.95 -0.79 -14.87
N ARG A 78 -3.53 -1.10 -13.73
CA ARG A 78 -2.89 -0.72 -12.49
C ARG A 78 -2.00 -1.89 -12.04
N SER A 79 -1.05 -1.57 -11.17
CA SER A 79 -0.13 -2.56 -10.64
C SER A 79 -0.82 -3.26 -9.48
N HIS A 80 -1.11 -4.52 -9.66
CA HIS A 80 -1.88 -5.26 -8.68
C HIS A 80 -1.07 -5.60 -7.41
N GLY A 81 -1.79 -5.67 -6.29
CA GLY A 81 -1.18 -6.04 -5.04
C GLY A 81 -0.86 -7.52 -4.99
N VAL A 82 0.10 -7.84 -4.13
CA VAL A 82 0.76 -9.14 -4.14
C VAL A 82 0.07 -10.06 -3.14
N SER A 83 -0.02 -11.33 -3.48
CA SER A 83 -0.51 -12.34 -2.54
C SER A 83 0.67 -13.09 -1.94
N VAL A 84 0.62 -13.32 -0.64
CA VAL A 84 1.63 -14.10 0.07
C VAL A 84 0.91 -15.07 1.00
N LEU A 85 1.09 -16.37 0.78
CA LEU A 85 0.32 -17.40 1.47
C LEU A 85 1.27 -18.23 2.32
N GLY A 86 1.12 -18.15 3.65
CA GLY A 86 2.04 -18.90 4.49
C GLY A 86 1.30 -19.79 5.46
N ILE A 87 1.99 -20.77 6.07
CA ILE A 87 1.45 -21.50 7.21
C ILE A 87 2.34 -21.26 8.42
N PHE A 88 1.71 -21.20 9.60
CA PHE A 88 2.33 -20.76 10.84
C PHE A 88 1.78 -21.57 11.99
N ASN A 89 2.64 -21.88 12.96
CA ASN A 89 2.19 -22.42 14.22
C ASN A 89 1.85 -21.24 15.13
N LEU A 90 0.62 -21.21 15.65
CA LEU A 90 0.12 -20.17 16.53
C LEU A 90 -0.41 -20.81 17.82
N GLU A 91 -0.28 -20.09 18.93
CA GLU A 91 -0.78 -20.57 20.21
C GLU A 91 -2.10 -19.91 20.59
N LYS A 92 -2.94 -20.67 21.26
CA LYS A 92 -4.19 -20.13 21.80
C LYS A 92 -3.94 -18.79 22.49
N ASP A 93 -4.80 -17.82 22.19
CA ASP A 93 -4.82 -16.50 22.80
C ASP A 93 -3.67 -15.63 22.31
N ASP A 94 -2.86 -16.09 21.36
CA ASP A 94 -1.96 -15.18 20.68
C ASP A 94 -2.76 -14.04 20.07
N MET A 95 -2.15 -12.87 19.98
CA MET A 95 -2.76 -11.70 19.36
C MET A 95 -2.06 -11.43 18.05
N LEU A 96 -2.82 -11.45 16.96
CA LEU A 96 -2.34 -11.06 15.65
C LEU A 96 -2.79 -9.64 15.36
N TYR A 97 -1.88 -8.87 14.79
CA TYR A 97 -2.09 -7.48 14.41
C TYR A 97 -2.17 -7.49 12.89
N ILE A 98 -3.27 -6.99 12.32
CA ILE A 98 -3.58 -7.17 10.91
C ILE A 98 -3.89 -5.80 10.33
N LEU A 99 -3.03 -5.30 9.44
CA LEU A 99 -3.26 -4.05 8.71
C LEU A 99 -3.59 -4.43 7.28
N VAL A 100 -4.82 -4.19 6.87
CA VAL A 100 -5.24 -4.53 5.52
C VAL A 100 -4.99 -3.33 4.62
N GLY A 101 -4.15 -3.52 3.61
CA GLY A 101 -3.70 -2.40 2.81
C GLY A 101 -4.83 -1.82 1.98
N GLN A 102 -4.73 -0.52 1.70
CA GLN A 102 -5.75 0.20 0.96
C GLN A 102 -5.18 0.70 -0.35
N GLN A 103 -6.03 0.65 -1.37
CA GLN A 103 -5.63 1.03 -2.71
C GLN A 103 -5.02 2.41 -2.77
N GLY A 104 -3.99 2.54 -3.59
CA GLY A 104 -3.47 3.87 -3.89
C GLY A 104 -4.46 4.69 -4.71
N GLU A 105 -4.47 6.01 -4.49
CA GLU A 105 -5.49 6.80 -5.16
C GLU A 105 -5.19 6.95 -6.64
N ASP A 106 -6.23 6.90 -7.43
CA ASP A 106 -6.14 7.21 -8.85
C ASP A 106 -6.03 8.71 -9.05
N ALA A 107 -5.25 9.14 -10.04
CA ALA A 107 -5.09 10.58 -10.24
C ALA A 107 -6.41 11.23 -10.69
N CYS A 108 -7.17 10.51 -11.53
CA CYS A 108 -8.42 10.93 -12.15
C CYS A 108 -9.55 10.00 -11.73
N PRO A 109 -10.78 10.49 -11.62
CA PRO A 109 -11.19 11.87 -11.90
C PRO A 109 -10.94 12.84 -10.74
N SER A 110 -11.22 14.13 -10.99
CA SER A 110 -10.97 15.18 -10.01
C SER A 110 -12.19 16.10 -9.86
N THR A 111 -12.29 16.80 -8.71
CA THR A 111 -13.36 17.79 -8.48
C THR A 111 -12.95 19.14 -9.08
N ASN A 112 -11.64 19.41 -9.21
CA ASN A 112 -11.11 20.67 -9.78
C ASN A 112 -11.45 20.73 -11.27
N GLN A 113 -11.82 21.89 -11.81
CA GLN A 113 -12.18 22.06 -13.24
C GLN A 113 -10.99 21.85 -14.18
N LEU A 114 -9.81 22.39 -13.86
CA LEU A 114 -8.62 22.35 -14.77
C LEU A 114 -8.01 20.95 -14.76
N ILE A 115 -7.90 20.32 -13.59
CA ILE A 115 -7.40 18.91 -13.46
C ILE A 115 -8.37 17.94 -14.14
N GLN A 116 -9.70 18.10 -14.08
CA GLN A 116 -10.57 17.19 -14.82
C GLN A 116 -10.36 17.31 -16.32
N LYS A 117 -10.11 18.54 -16.80
CA LYS A 117 -9.85 18.73 -18.24
C LYS A 117 -8.58 18.00 -18.66
N VAL A 118 -7.56 18.01 -17.81
CA VAL A 118 -6.41 17.16 -18.08
C VAL A 118 -6.86 15.71 -18.18
N CYS A 119 -7.72 15.29 -17.25
CA CYS A 119 -8.10 13.87 -17.14
C CYS A 119 -8.75 13.32 -18.41
N ILE A 120 -9.61 14.12 -19.05
CA ILE A 120 -10.27 13.69 -20.28
C ILE A 120 -9.59 14.26 -21.52
N GLY A 121 -8.38 14.80 -21.38
CA GLY A 121 -7.62 15.22 -22.55
C GLY A 121 -8.07 16.51 -23.21
N GLU A 122 -8.57 17.43 -22.39
CA GLU A 122 -9.02 18.78 -22.88
C GLU A 122 -8.08 19.87 -22.37
N ASN A 123 -6.94 19.51 -21.76
CA ASN A 123 -5.99 20.49 -21.24
C ASN A 123 -4.61 19.91 -21.44
N ASN A 124 -3.82 20.48 -22.35
CA ASN A 124 -2.56 19.90 -22.75
C ASN A 124 -1.36 20.59 -22.10
N VAL A 125 -1.56 21.27 -20.97
CA VAL A 125 -0.46 22.02 -20.37
C VAL A 125 0.72 21.11 -20.11
N ILE A 126 0.48 19.89 -19.66
CA ILE A 126 1.60 18.99 -19.36
C ILE A 126 2.32 18.57 -20.63
N GLU A 127 1.56 18.11 -21.62
CA GLU A 127 2.16 17.77 -22.91
C GLU A 127 2.95 18.95 -23.46
N GLU A 128 2.38 20.16 -23.37
CA GLU A 128 3.10 21.34 -23.85
C GLU A 128 4.38 21.58 -23.07
N GLU A 129 4.34 21.39 -21.75
CA GLU A 129 5.55 21.60 -20.97
C GLU A 129 6.61 20.58 -21.36
N ILE A 130 6.20 19.33 -21.56
CA ILE A 130 7.17 18.34 -22.01
C ILE A 130 7.74 18.70 -23.38
N ARG A 131 6.93 19.33 -24.24
CA ARG A 131 7.41 19.71 -25.57
C ARG A 131 8.36 20.92 -25.53
N VAL A 132 7.84 22.09 -25.12
CA VAL A 132 8.60 23.34 -25.07
C VAL A 132 9.82 23.15 -24.18
N ASN A 133 9.58 22.99 -22.88
CA ASN A 133 10.62 22.55 -21.97
C ASN A 133 10.69 21.02 -22.10
N ARG A 134 11.65 20.39 -21.43
CA ARG A 134 11.84 18.96 -21.62
C ARG A 134 11.38 18.13 -20.42
N SER A 135 11.16 18.74 -19.27
CA SER A 135 10.72 18.05 -18.08
C SER A 135 9.37 18.59 -17.63
N VAL A 136 8.83 17.98 -16.58
CA VAL A 136 7.67 18.51 -15.88
C VAL A 136 8.16 19.03 -14.53
N HIS A 137 8.32 20.36 -14.45
CA HIS A 137 8.66 21.05 -13.21
C HIS A 137 7.52 21.87 -12.65
N GLU A 138 6.66 22.45 -13.49
CA GLU A 138 5.58 23.32 -13.05
C GLU A 138 4.28 22.54 -12.89
N TRP A 139 3.79 21.94 -13.97
CA TRP A 139 2.48 21.28 -13.96
C TRP A 139 2.57 19.83 -13.46
N ALA A 140 3.13 19.69 -12.26
CA ALA A 140 3.30 18.36 -11.67
C ALA A 140 1.96 17.77 -11.23
N GLY A 141 1.85 16.45 -11.31
CA GLY A 141 0.62 15.73 -10.99
C GLY A 141 0.24 14.71 -12.03
N GLY A 142 -0.74 13.91 -11.66
CA GLY A 142 -1.25 12.94 -12.61
C GLY A 142 -0.78 11.53 -12.39
N GLY A 143 0.18 11.30 -11.50
CA GLY A 143 0.60 9.95 -11.19
C GLY A 143 -0.23 9.40 -10.06
N GLY A 144 -0.38 8.09 -10.03
CA GLY A 144 -1.16 7.50 -8.98
C GLY A 144 -0.35 7.28 -7.71
N GLY A 145 -1.08 7.15 -6.60
CA GLY A 145 -0.45 6.83 -5.35
C GLY A 145 -0.12 5.35 -5.28
N GLY A 146 0.86 5.04 -4.45
CA GLY A 146 1.14 3.64 -4.17
C GLY A 146 0.07 2.96 -3.34
N GLY A 147 -0.10 1.68 -3.59
CA GLY A 147 -0.95 0.86 -2.72
C GLY A 147 -0.29 0.52 -1.41
N GLY A 148 -1.11 0.38 -0.36
CA GLY A 148 -0.61 -0.04 0.93
C GLY A 148 -0.33 -1.55 0.92
N ALA A 149 0.73 -1.93 1.62
CA ALA A 149 0.90 -3.36 1.86
C ALA A 149 -0.09 -3.85 2.94
N THR A 150 -0.21 -5.19 3.03
CA THR A 150 -0.97 -5.82 4.07
C THR A 150 0.05 -6.46 5.00
N TYR A 151 -0.07 -6.17 6.29
CA TYR A 151 0.89 -6.60 7.30
C TYR A 151 0.14 -7.47 8.30
N VAL A 152 0.70 -8.64 8.61
CA VAL A 152 0.25 -9.48 9.72
C VAL A 152 1.45 -9.72 10.62
N PHE A 153 1.34 -9.34 11.89
CA PHE A 153 2.46 -9.40 12.82
C PHE A 153 1.96 -9.73 14.22
N LYS A 154 2.90 -10.04 15.10
CA LYS A 154 2.60 -10.28 16.49
C LYS A 154 3.56 -9.47 17.34
N MET A 155 3.39 -9.55 18.66
CA MET A 155 4.27 -8.90 19.64
C MET A 155 5.03 -9.97 20.40
N LYS A 156 6.31 -9.74 20.62
CA LYS A 156 7.17 -10.66 21.39
C LYS A 156 7.93 -9.80 22.37
N ASP A 157 7.63 -9.93 23.65
CA ASP A 157 8.32 -9.17 24.69
C ASP A 157 8.36 -7.69 24.32
N GLY A 158 7.26 -7.21 23.78
CA GLY A 158 7.10 -5.81 23.51
C GLY A 158 7.50 -5.37 22.12
N VAL A 159 8.18 -6.21 21.35
CA VAL A 159 8.75 -5.78 20.06
C VAL A 159 7.95 -6.45 18.95
N PRO A 160 7.52 -5.72 17.91
CA PRO A 160 6.75 -6.33 16.82
C PRO A 160 7.59 -7.24 15.94
N VAL A 161 6.97 -8.32 15.47
CA VAL A 161 7.64 -9.41 14.78
C VAL A 161 6.76 -9.69 13.58
N PRO A 162 7.24 -9.49 12.35
CA PRO A 162 6.40 -9.71 11.17
C PRO A 162 6.24 -11.18 10.84
N LEU A 163 5.03 -11.54 10.44
CA LEU A 163 4.72 -12.88 9.98
C LEU A 163 4.50 -12.94 8.48
N ILE A 164 3.56 -12.15 7.97
CA ILE A 164 3.31 -12.04 6.55
C ILE A 164 3.24 -10.57 6.19
N ILE A 165 3.96 -10.17 5.13
CA ILE A 165 3.78 -8.83 4.58
C ILE A 165 3.60 -8.99 3.07
N ALA A 166 2.42 -8.63 2.58
CA ALA A 166 2.08 -8.78 1.18
C ALA A 166 2.07 -7.38 0.58
N ALA A 167 2.95 -7.15 -0.39
CA ALA A 167 3.30 -5.81 -0.83
C ALA A 167 2.19 -5.14 -1.63
N GLY A 168 2.18 -3.81 -1.56
CA GLY A 168 1.32 -3.01 -2.39
C GLY A 168 1.97 -2.67 -3.72
N GLY A 169 1.10 -2.41 -4.70
CA GLY A 169 1.55 -2.07 -6.03
C GLY A 169 1.95 -0.61 -6.09
N GLY A 170 2.93 -0.30 -6.93
CA GLY A 170 3.24 1.10 -7.17
C GLY A 170 2.19 1.78 -8.03
N GLY A 171 2.09 3.10 -7.86
CA GLY A 171 1.22 3.88 -8.71
C GLY A 171 1.79 3.99 -10.12
N ARG A 172 0.88 4.07 -11.09
CA ARG A 172 1.21 4.35 -12.49
C ARG A 172 1.58 5.83 -12.64
N ALA A 173 2.62 6.09 -13.41
CA ALA A 173 2.97 7.47 -13.77
C ALA A 173 1.86 8.08 -14.62
N TYR A 174 1.83 9.41 -14.61
CA TYR A 174 0.85 10.13 -15.43
C TYR A 174 0.80 9.61 -16.86
N GLY A 175 1.96 9.48 -17.49
CA GLY A 175 2.06 9.10 -18.89
C GLY A 175 2.32 7.62 -19.12
N ALA A 176 1.94 6.77 -18.17
CA ALA A 176 2.20 5.34 -18.34
C ALA A 176 1.49 4.76 -19.55
N LYS A 177 2.21 3.94 -20.32
CA LYS A 177 1.61 3.34 -21.52
C LYS A 177 2.11 1.91 -21.75
N THR A 178 2.45 1.19 -20.67
CA THR A 178 2.85 -0.21 -20.71
C THR A 178 1.96 -1.02 -19.77
N ASP A 179 1.86 -2.31 -20.03
CA ASP A 179 1.02 -3.20 -19.23
C ASP A 179 1.86 -4.28 -18.56
N THR A 180 3.13 -3.95 -18.31
CA THR A 180 4.10 -4.88 -17.73
C THR A 180 4.69 -4.32 -16.44
N PHE A 181 5.14 -5.25 -15.60
CA PHE A 181 5.58 -4.97 -14.24
C PHE A 181 6.77 -5.84 -13.86
N HIS A 182 7.46 -5.42 -12.79
CA HIS A 182 8.65 -6.11 -12.34
C HIS A 182 8.25 -7.31 -11.46
N PRO A 183 9.10 -8.34 -11.41
CA PRO A 183 8.71 -9.53 -10.65
C PRO A 183 8.60 -9.27 -9.15
N GLU A 184 7.90 -10.18 -8.48
CA GLU A 184 7.67 -10.04 -7.05
C GLU A 184 8.96 -10.34 -6.32
N ARG A 185 9.30 -9.49 -5.36
CA ARG A 185 10.44 -9.70 -4.49
C ARG A 185 9.88 -10.18 -3.16
N LEU A 186 10.44 -11.25 -2.59
CA LEU A 186 9.99 -11.78 -1.29
C LEU A 186 11.20 -11.99 -0.41
N GLU A 187 11.21 -11.36 0.75
CA GLU A 187 12.27 -11.42 1.74
C GLU A 187 11.88 -12.36 2.87
N ASN A 188 12.86 -13.01 3.49
CA ASN A 188 12.57 -13.91 4.60
C ASN A 188 13.67 -13.93 5.64
N ASN A 189 14.53 -12.92 5.64
CA ASN A 189 15.63 -12.81 6.58
C ASN A 189 15.40 -11.56 7.42
N SER A 190 15.29 -11.75 8.74
CA SER A 190 14.99 -10.64 9.65
C SER A 190 16.17 -9.69 9.74
N SER A 191 17.37 -10.14 9.41
CA SER A 191 18.54 -9.26 9.42
C SER A 191 18.49 -8.20 8.33
N VAL A 192 17.70 -8.40 7.28
CA VAL A 192 17.56 -7.40 6.23
C VAL A 192 16.65 -6.30 6.74
N LEU A 193 17.13 -5.07 6.70
CA LEU A 193 16.38 -3.98 7.30
C LEU A 193 15.18 -3.63 6.44
N GLY A 194 14.02 -3.51 7.10
CA GLY A 194 12.77 -3.20 6.44
C GLY A 194 12.55 -1.71 6.24
N LEU A 195 13.31 -1.11 5.35
CA LEU A 195 13.34 0.34 5.23
C LEU A 195 12.34 0.89 4.22
N ASN A 196 12.10 2.21 4.31
CA ASN A 196 11.28 2.90 3.33
C ASN A 196 11.94 2.84 1.96
N GLY A 197 11.14 2.88 0.91
CA GLY A 197 11.68 3.07 -0.40
C GLY A 197 12.15 4.51 -0.57
N ASN A 198 12.95 4.73 -1.60
CA ASN A 198 13.46 6.07 -1.91
C ASN A 198 12.33 6.96 -2.34
N SER A 199 12.28 8.20 -1.83
CA SER A 199 11.38 9.22 -2.33
C SER A 199 12.11 10.16 -3.27
N GLY A 200 11.37 10.70 -4.24
CA GLY A 200 11.87 11.78 -5.08
C GLY A 200 10.82 12.88 -5.13
N ALA A 201 10.28 13.13 -6.33
CA ALA A 201 9.09 13.98 -6.45
C ALA A 201 7.87 13.24 -5.91
N ALA A 202 7.66 12.03 -6.38
CA ALA A 202 6.65 11.18 -5.76
C ALA A 202 7.22 10.51 -4.50
N GLY A 203 6.33 9.99 -3.67
CA GLY A 203 6.72 9.37 -2.41
C GLY A 203 7.09 7.90 -2.59
N GLY A 204 8.18 7.52 -1.94
CA GLY A 204 8.50 6.12 -1.81
C GLY A 204 7.50 5.42 -0.91
N GLY A 205 7.40 4.10 -1.06
CA GLY A 205 6.56 3.33 -0.17
C GLY A 205 7.17 3.22 1.21
N GLY A 206 6.30 3.04 2.20
CA GLY A 206 6.77 2.85 3.54
C GLY A 206 7.14 1.38 3.72
N GLY A 207 8.20 1.15 4.49
CA GLY A 207 8.67 -0.16 4.85
C GLY A 207 8.08 -0.66 6.15
N TRP A 208 8.80 -1.57 6.81
CA TRP A 208 8.38 -2.15 8.07
C TRP A 208 8.77 -1.31 9.26
N ASN A 209 10.01 -0.75 9.23
CA ASN A 209 10.51 -0.01 10.39
C ASN A 209 11.52 1.05 9.93
N ASP A 210 11.09 2.30 9.88
CA ASP A 210 11.96 3.38 9.45
C ASP A 210 11.51 4.66 10.14
N ASN A 211 12.22 5.75 9.85
CA ASN A 211 11.87 7.08 10.30
C ASN A 211 11.54 7.93 9.08
N THR A 212 10.29 8.35 8.97
CA THR A 212 9.78 9.02 7.79
C THR A 212 9.64 10.51 8.11
N SER A 213 10.22 11.36 7.28
CA SER A 213 10.09 12.81 7.50
C SER A 213 9.36 13.54 6.37
N LEU A 214 9.30 12.97 5.16
CA LEU A 214 8.75 13.71 4.03
C LEU A 214 7.26 13.49 4.02
N LEU A 215 6.48 14.56 3.92
CA LEU A 215 5.04 14.42 3.94
C LEU A 215 4.50 13.48 2.86
N TRP A 216 5.14 13.42 1.69
CA TRP A 216 4.62 12.65 0.56
C TRP A 216 5.07 11.19 0.56
N ALA A 217 5.98 10.84 1.47
CA ALA A 217 6.45 9.47 1.62
C ALA A 217 5.44 8.66 2.40
N GLY A 218 5.26 7.40 2.01
CA GLY A 218 4.50 6.49 2.86
C GLY A 218 5.25 6.24 4.15
N LYS A 219 4.49 6.24 5.25
CA LYS A 219 5.03 5.93 6.55
C LYS A 219 5.26 4.43 6.72
N SER A 220 6.31 4.09 7.47
CA SER A 220 6.58 2.69 7.72
C SER A 220 5.52 2.09 8.67
N LEU A 221 5.46 0.76 8.70
CA LEU A 221 4.46 0.12 9.55
C LEU A 221 4.54 0.62 10.99
N GLN A 222 5.73 0.58 11.59
CA GLN A 222 5.86 0.91 12.99
C GLN A 222 5.64 2.39 13.26
N GLU A 223 5.51 3.21 12.22
CA GLU A 223 5.13 4.60 12.41
C GLU A 223 3.65 4.78 12.23
N GLY A 224 2.91 3.73 11.89
CA GLY A 224 1.49 3.85 11.67
C GLY A 224 1.02 3.74 10.23
N ALA A 225 1.93 3.61 9.27
CA ALA A 225 1.65 3.18 7.89
C ALA A 225 0.71 4.10 7.12
N THR A 226 0.53 5.34 7.55
CA THR A 226 -0.32 6.27 6.81
C THR A 226 0.22 6.52 5.41
N GLY A 227 -0.70 6.50 4.44
CA GLY A 227 -0.34 6.81 3.08
C GLY A 227 0.18 8.23 2.96
N GLY A 228 1.08 8.43 2.00
CA GLY A 228 1.73 9.71 1.83
C GLY A 228 0.79 10.78 1.30
N HIS A 229 1.09 12.02 1.66
CA HIS A 229 0.43 13.14 1.01
C HIS A 229 0.87 13.21 -0.45
N SER A 230 0.18 14.05 -1.20
CA SER A 230 0.56 14.32 -2.56
C SER A 230 1.84 15.18 -2.60
N CYS A 231 2.51 15.16 -3.75
CA CYS A 231 3.76 15.87 -3.85
C CYS A 231 3.54 17.39 -3.76
N PRO A 232 4.44 18.11 -3.08
CA PRO A 232 4.21 19.56 -2.87
C PRO A 232 4.02 20.39 -4.12
N GLN A 233 4.73 20.11 -5.20
CA GLN A 233 4.60 20.93 -6.39
C GLN A 233 3.22 20.76 -7.01
N ALA A 234 2.68 19.53 -7.01
CA ALA A 234 1.34 19.32 -7.56
C ALA A 234 0.28 20.08 -6.75
N MET A 235 0.42 20.09 -5.40
CA MET A 235 -0.46 20.90 -4.52
C MET A 235 -0.26 22.38 -4.75
N LYS A 236 0.99 22.83 -4.86
CA LYS A 236 1.22 24.26 -4.98
C LYS A 236 0.67 24.78 -6.30
N LYS A 237 0.82 24.00 -7.37
CA LYS A 237 0.48 24.50 -8.70
C LYS A 237 -1.01 24.55 -8.90
N TRP A 238 -1.69 23.46 -8.55
CA TRP A 238 -3.12 23.38 -8.80
C TRP A 238 -3.85 22.41 -7.87
N GLY A 239 -3.27 22.03 -6.75
CA GLY A 239 -4.05 21.26 -5.80
C GLY A 239 -4.36 19.84 -6.22
N TRP A 240 -3.48 19.21 -7.02
CA TRP A 240 -3.74 17.86 -7.51
C TRP A 240 -3.34 16.89 -6.41
N GLU A 241 -4.30 16.44 -5.61
CA GLU A 241 -4.03 15.60 -4.44
C GLU A 241 -4.27 14.13 -4.82
N THR A 242 -3.19 13.36 -4.91
CA THR A 242 -3.23 11.91 -5.14
C THR A 242 -2.42 11.22 -4.04
N ARG A 243 -3.11 10.56 -3.12
CA ARG A 243 -2.39 10.08 -1.96
C ARG A 243 -2.15 8.57 -2.04
N GLY A 244 -1.19 8.11 -1.23
CA GLY A 244 -0.95 6.70 -1.07
C GLY A 244 -2.00 6.06 -0.20
N GLY A 245 -2.15 4.72 -0.31
CA GLY A 245 -3.07 4.03 0.57
C GLY A 245 -2.45 3.60 1.88
N PHE A 246 -3.31 3.55 2.90
CA PHE A 246 -2.99 2.98 4.20
C PHE A 246 -2.25 1.66 4.00
N GLY A 247 -1.17 1.49 4.77
CA GLY A 247 -0.22 0.44 4.53
C GLY A 247 1.04 0.91 3.85
N GLY A 248 1.32 2.21 3.86
CA GLY A 248 2.59 2.68 3.38
C GLY A 248 2.67 3.17 1.94
N GLY A 249 1.56 3.29 1.22
CA GLY A 249 1.61 3.81 -0.14
C GLY A 249 2.18 5.21 -0.14
N GLY A 250 3.01 5.53 -1.14
CA GLY A 250 3.52 6.88 -1.35
C GLY A 250 2.58 7.74 -2.16
N GLY A 251 2.69 9.06 -1.98
CA GLY A 251 1.91 9.98 -2.79
C GLY A 251 2.40 10.04 -4.22
N GLY A 252 1.51 10.41 -5.15
CA GLY A 252 1.88 10.54 -6.56
C GLY A 252 2.25 11.97 -6.91
N CYS A 253 3.20 12.19 -7.82
CA CYS A 253 3.58 13.53 -8.34
C CYS A 253 3.21 13.37 -9.82
N SER A 254 4.07 13.56 -10.81
CA SER A 254 3.80 13.14 -12.21
C SER A 254 4.14 11.66 -12.11
N SER A 255 5.31 11.32 -11.59
CA SER A 255 5.75 9.98 -11.30
C SER A 255 4.76 9.29 -10.35
N GLY A 256 4.80 7.98 -10.28
CA GLY A 256 3.92 7.27 -9.38
C GLY A 256 4.56 6.99 -8.04
N GLY A 257 3.72 6.91 -7.01
CA GLY A 257 4.21 6.62 -5.68
C GLY A 257 4.55 5.15 -5.53
N GLY A 258 5.47 4.88 -4.61
CA GLY A 258 5.88 3.51 -4.39
C GLY A 258 4.90 2.76 -3.50
N GLY A 259 4.81 1.45 -3.72
CA GLY A 259 3.96 0.61 -2.88
C GLY A 259 4.60 0.34 -1.53
N GLY A 260 3.75 0.11 -0.52
CA GLY A 260 4.26 -0.24 0.77
C GLY A 260 4.72 -1.68 0.81
N GLY A 261 5.49 -2.00 1.83
CA GLY A 261 5.98 -3.36 1.95
C GLY A 261 6.80 -3.54 3.21
N TYR A 262 7.56 -4.63 3.26
CA TYR A 262 8.61 -4.76 4.28
C TYR A 262 9.72 -3.78 4.00
N ILE A 263 10.16 -3.74 2.74
CA ILE A 263 10.93 -2.65 2.15
C ILE A 263 9.96 -1.94 1.20
N GLY A 264 9.87 -0.61 1.30
CA GLY A 264 8.98 0.11 0.41
C GLY A 264 9.50 0.17 -1.01
N GLY A 265 8.58 0.35 -1.96
CA GLY A 265 8.99 0.55 -3.35
C GLY A 265 9.60 1.93 -3.55
N ASN A 266 10.63 1.99 -4.40
CA ASN A 266 11.24 3.27 -4.75
C ASN A 266 10.34 4.07 -5.68
N ALA A 267 10.24 5.36 -5.42
CA ALA A 267 9.76 6.31 -6.41
C ALA A 267 10.96 6.83 -7.21
N ALA A 268 10.70 7.36 -8.40
CA ALA A 268 11.75 7.95 -9.21
C ALA A 268 12.44 9.07 -8.44
N SER A 269 13.72 9.30 -8.75
CA SER A 269 14.42 10.36 -8.03
C SER A 269 13.92 11.73 -8.50
N ASN A 270 13.46 11.84 -9.75
CA ASN A 270 13.00 13.10 -10.32
C ASN A 270 11.50 12.97 -10.59
N ASN A 271 10.91 13.97 -11.23
CA ASN A 271 9.48 13.92 -11.55
C ASN A 271 9.24 13.46 -12.98
N ASP A 272 9.75 12.27 -13.29
CA ASP A 272 9.59 11.69 -14.62
C ASP A 272 8.15 11.23 -14.86
N PRO A 273 7.44 11.81 -15.83
CA PRO A 273 6.03 11.45 -16.04
C PRO A 273 5.80 10.10 -16.69
N GLU A 274 6.85 9.33 -16.92
CA GLU A 274 6.72 7.97 -17.39
C GLU A 274 7.18 6.94 -16.38
N MET A 275 7.62 7.36 -15.19
CA MET A 275 8.22 6.43 -14.24
C MET A 275 7.17 6.00 -13.22
N ASP A 276 6.72 4.77 -13.37
CA ASP A 276 5.86 4.16 -12.35
C ASP A 276 6.60 4.10 -11.00
N GLY A 277 5.83 4.09 -9.92
CA GLY A 277 6.38 3.70 -8.65
C GLY A 277 6.64 2.21 -8.60
N GLU A 278 7.66 1.81 -7.86
CA GLU A 278 7.93 0.38 -7.72
C GLU A 278 6.99 -0.23 -6.70
N ASP A 279 6.67 -1.51 -6.91
CA ASP A 279 5.96 -2.28 -5.90
C ASP A 279 6.86 -2.45 -4.67
N GLY A 280 6.25 -2.65 -3.52
CA GLY A 280 7.01 -2.92 -2.33
C GLY A 280 7.52 -4.34 -2.35
N VAL A 281 8.33 -4.64 -1.34
CA VAL A 281 8.95 -5.95 -1.15
C VAL A 281 8.14 -6.69 -0.09
N SER A 282 7.76 -7.93 -0.39
CA SER A 282 6.99 -8.77 0.52
C SER A 282 7.93 -9.47 1.50
N PHE A 283 7.34 -10.10 2.52
CA PHE A 283 8.11 -10.79 3.58
C PHE A 283 7.32 -11.96 4.12
N ILE A 284 8.05 -13.03 4.44
CA ILE A 284 7.50 -14.14 5.20
C ILE A 284 8.50 -14.50 6.27
N SER A 285 8.01 -14.61 7.49
CA SER A 285 8.86 -14.99 8.59
C SER A 285 9.63 -16.26 8.28
N PRO A 286 10.89 -16.35 8.70
CA PRO A 286 11.66 -17.57 8.52
C PRO A 286 11.09 -18.74 9.33
N LEU A 287 10.14 -18.50 10.24
CA LEU A 287 9.51 -19.59 10.99
C LEU A 287 8.20 -20.03 10.36
N GLY A 288 7.75 -19.35 9.34
CA GLY A 288 6.61 -19.81 8.58
C GLY A 288 7.06 -20.60 7.36
N ILE A 289 6.08 -21.18 6.67
CA ILE A 289 6.36 -21.86 5.41
C ILE A 289 5.50 -21.28 4.31
N LEU A 290 6.15 -20.89 3.22
CA LEU A 290 5.44 -20.37 2.07
C LEU A 290 4.72 -21.49 1.36
N TYR A 291 3.42 -21.34 1.19
CA TYR A 291 2.58 -22.41 0.66
C TYR A 291 2.69 -22.54 -0.85
N THR A 292 2.90 -21.42 -1.54
CA THR A 292 2.93 -21.34 -2.99
C THR A 292 3.57 -20.00 -3.36
N PRO A 293 4.14 -19.87 -4.56
CA PRO A 293 4.82 -18.62 -4.90
C PRO A 293 3.90 -17.40 -4.85
N ALA A 294 4.50 -16.29 -4.44
CA ALA A 294 3.80 -15.03 -4.41
C ALA A 294 3.40 -14.61 -5.83
N LEU A 295 2.22 -13.99 -5.94
CA LEU A 295 1.64 -13.60 -7.23
C LEU A 295 1.00 -12.23 -7.08
N LYS A 296 0.95 -11.47 -8.17
CA LYS A 296 0.23 -10.19 -8.15
C LYS A 296 -1.21 -10.44 -8.51
N VAL A 297 -2.14 -10.13 -7.60
CA VAL A 297 -3.50 -10.53 -7.91
C VAL A 297 -4.61 -9.53 -7.58
N MET A 298 -4.35 -8.53 -6.73
CA MET A 298 -5.44 -7.66 -6.22
C MET A 298 -5.58 -6.36 -7.04
N GLU A 299 -6.76 -6.12 -7.61
CA GLU A 299 -6.98 -4.87 -8.34
C GLU A 299 -7.46 -3.71 -7.47
N GLY A 300 -7.80 -3.98 -6.22
CA GLY A 300 -8.34 -2.95 -5.37
C GLY A 300 -7.71 -3.01 -4.00
N HIS A 301 -8.53 -3.03 -2.96
CA HIS A 301 -7.95 -3.11 -1.63
C HIS A 301 -7.45 -4.51 -1.32
N GLY A 302 -6.62 -4.61 -0.29
CA GLY A 302 -6.06 -5.89 0.11
C GLY A 302 -7.02 -6.68 0.97
N GLU A 303 -6.50 -7.73 1.60
CA GLU A 303 -7.35 -8.53 2.48
C GLU A 303 -6.49 -9.58 3.13
N VAL A 304 -7.03 -10.21 4.17
CA VAL A 304 -6.31 -11.30 4.82
C VAL A 304 -7.31 -12.42 5.05
N ASN A 305 -6.94 -13.65 4.74
CA ASN A 305 -7.77 -14.81 5.05
C ASN A 305 -6.99 -15.76 5.94
N ILE A 306 -7.56 -16.12 7.09
CA ILE A 306 -6.91 -17.06 8.01
C ILE A 306 -7.80 -18.29 8.15
N LYS A 307 -7.17 -19.46 8.20
CA LYS A 307 -7.92 -20.66 8.51
C LYS A 307 -7.04 -21.70 9.19
N HIS A 308 -7.68 -22.72 9.77
CA HIS A 308 -6.96 -23.89 10.25
C HIS A 308 -6.34 -24.61 9.06
N TYR A 309 -5.11 -25.02 9.20
CA TYR A 309 -4.41 -25.64 8.10
C TYR A 309 -4.31 -27.13 8.40
N LEU A 310 -4.95 -27.93 7.58
CA LEU A 310 -4.76 -29.37 7.58
C LEU A 310 -3.56 -29.71 6.69
N ASN A 311 -3.14 -30.98 6.69
CA ASN A 311 -1.91 -31.39 5.94
C ASN A 311 -0.62 -31.21 6.75
#